data_4PKM
#
_entry.id   4PKM
#
_cell.length_a   54.703
_cell.length_b   54.703
_cell.length_c   209.980
_cell.angle_alpha   90.000
_cell.angle_beta   90.000
_cell.angle_gamma   90.000
#
_symmetry.space_group_name_H-M   'P 43 21 2'
#
loop_
_entity.id
_entity.type
_entity.pdbx_description
1 polymer Cry51Aa1
2 non-polymer GLYCEROL
3 non-polymer 'SULFATE ION'
4 non-polymer GLYCINE
5 water water
#
_entity_poly.entity_id   1
_entity_poly.type   'polypeptide(L)'
_entity_poly.pdbx_seq_one_letter_code
;MIFLAILDLKSLVLNAINYWGPKNNNGIQGGDFGYPISEKQIDTSIITSTHPRLIPHDLTIPQNLETIFTTTQVLTNNTD
LQQSQTVSFAKKTTTTTSTSTTNGWTEGGKISDTLEEKVSVSIPFIGEGGGKNSTTIEANFAHNSSTTTFQQASTDIEWN
ISQPVLVPPRKQVVATLVIMGGNFTIPMDLMTTIDSTEHYSGYPILTWISSPDNSYNGPFMSWYFANWPNLPSGFGPLNS
DNTVTYTGSVVSQVSAGVYATVRFDQYDIHNLRTIEKTWYARHATLHNGKKISINNVTEMAPTSPIKTN
;
_entity_poly.pdbx_strand_id   A
#
# COMPACT_ATOMS: atom_id res chain seq x y z
N ALA A 5 11.83 -10.88 -11.47
CA ALA A 5 12.95 -10.07 -11.95
C ALA A 5 12.45 -8.81 -12.64
N ILE A 6 13.35 -7.87 -12.89
CA ILE A 6 13.04 -6.71 -13.71
C ILE A 6 13.42 -7.03 -15.15
N LEU A 7 12.42 -7.30 -15.99
CA LEU A 7 12.69 -7.67 -17.38
C LEU A 7 13.18 -6.47 -18.17
N ASP A 8 14.09 -6.73 -19.13
CA ASP A 8 14.58 -5.70 -20.02
C ASP A 8 13.70 -5.66 -21.26
N LEU A 9 12.77 -4.71 -21.29
CA LEU A 9 11.85 -4.60 -22.41
C LEU A 9 12.56 -4.29 -23.73
N LYS A 10 13.68 -3.57 -23.66
CA LYS A 10 14.43 -3.26 -24.88
C LYS A 10 14.95 -4.53 -25.53
N SER A 11 15.52 -5.42 -24.73
CA SER A 11 16.00 -6.70 -25.22
C SER A 11 14.86 -7.54 -25.79
N LEU A 12 13.71 -7.53 -25.10
CA LEU A 12 12.57 -8.30 -25.58
C LEU A 12 12.03 -7.77 -26.91
N VAL A 13 11.98 -6.44 -27.03
CA VAL A 13 11.56 -5.81 -28.28
C VAL A 13 12.51 -6.18 -29.43
N LEU A 14 13.80 -6.13 -29.17
CA LEU A 14 14.80 -6.53 -30.16
C LEU A 14 14.57 -7.97 -30.59
N ASN A 15 14.30 -8.85 -29.62
CA ASN A 15 14.07 -10.26 -29.90
C ASN A 15 12.82 -10.51 -30.73
N ALA A 16 11.75 -9.78 -30.41
CA ALA A 16 10.52 -9.87 -31.20
C ALA A 16 10.76 -9.41 -32.64
N ILE A 17 11.48 -8.30 -32.79
CA ILE A 17 11.79 -7.77 -34.12
C ILE A 17 12.56 -8.80 -34.95
N ASN A 18 13.51 -9.46 -34.29
CA ASN A 18 14.35 -10.42 -35.00
C ASN A 18 13.65 -11.74 -35.25
N TYR A 19 12.58 -12.01 -34.49
CA TYR A 19 11.69 -13.12 -34.80
C TYR A 19 10.89 -12.84 -36.08
N TRP A 20 10.17 -11.72 -36.10
CA TRP A 20 9.29 -11.43 -37.23
C TRP A 20 10.02 -11.01 -38.49
N GLY A 21 11.19 -10.39 -38.33
CA GLY A 21 11.90 -9.83 -39.46
C GLY A 21 12.04 -10.72 -40.68
N PRO A 22 12.63 -11.90 -40.52
CA PRO A 22 12.82 -12.81 -41.65
C PRO A 22 11.50 -13.34 -42.22
N LYS A 23 10.40 -13.18 -41.47
CA LYS A 23 9.10 -13.74 -41.87
C LYS A 23 8.23 -12.77 -42.64
N ASN A 24 8.05 -11.57 -42.12
CA ASN A 24 7.20 -10.57 -42.76
C ASN A 24 7.76 -9.14 -42.69
N ASN A 25 9.04 -9.03 -42.33
CA ASN A 25 9.73 -7.73 -42.23
C ASN A 25 9.04 -6.82 -41.22
N ASN A 26 8.43 -7.44 -40.20
CA ASN A 26 7.64 -6.69 -39.21
C ASN A 26 6.55 -5.82 -39.85
N GLY A 27 6.11 -6.23 -41.03
CA GLY A 27 5.01 -5.57 -41.72
C GLY A 27 5.44 -4.36 -42.53
N ILE A 28 6.72 -4.01 -42.45
CA ILE A 28 7.23 -2.83 -43.11
C ILE A 28 7.37 -3.14 -44.59
N GLN A 29 6.82 -2.27 -45.43
CA GLN A 29 6.78 -2.51 -46.87
C GLN A 29 8.06 -2.03 -47.55
N GLY A 30 9.03 -2.94 -47.64
CA GLY A 30 10.30 -2.64 -48.28
C GLY A 30 11.44 -2.56 -47.28
N GLY A 31 12.64 -2.30 -47.79
CA GLY A 31 13.80 -2.12 -46.93
C GLY A 31 14.56 -3.39 -46.66
N ASP A 32 15.84 -3.22 -46.34
CA ASP A 32 16.71 -4.34 -45.98
C ASP A 32 17.38 -3.97 -44.67
N PHE A 33 16.75 -4.35 -43.57
CA PHE A 33 17.22 -3.90 -42.27
C PHE A 33 18.32 -4.81 -41.76
N GLY A 34 18.51 -5.95 -42.42
CA GLY A 34 19.58 -6.86 -42.08
C GLY A 34 19.37 -7.61 -40.78
N TYR A 35 18.36 -8.47 -40.75
CA TYR A 35 18.10 -9.31 -39.60
C TYR A 35 19.15 -10.40 -39.47
N PRO A 36 19.55 -10.74 -38.22
CA PRO A 36 19.10 -10.10 -36.97
C PRO A 36 19.71 -8.71 -36.79
N ILE A 37 18.89 -7.71 -36.48
CA ILE A 37 19.40 -6.36 -36.29
C ILE A 37 20.11 -6.19 -34.95
N SER A 38 20.94 -5.15 -34.88
CA SER A 38 21.68 -4.82 -33.67
C SER A 38 20.80 -3.94 -32.79
N GLU A 39 21.07 -3.91 -31.49
CA GLU A 39 20.37 -2.99 -30.60
C GLU A 39 20.58 -1.53 -31.01
N LYS A 40 21.62 -1.29 -31.81
CA LYS A 40 21.92 0.06 -32.27
C LYS A 40 20.92 0.55 -33.31
N GLN A 41 20.13 -0.36 -33.86
CA GLN A 41 19.16 -0.01 -34.89
C GLN A 41 17.76 0.26 -34.35
N ILE A 42 17.61 0.24 -33.03
CA ILE A 42 16.34 0.56 -32.39
C ILE A 42 16.52 1.66 -31.35
N ASP A 43 15.43 2.24 -30.91
CA ASP A 43 15.46 3.28 -29.88
C ASP A 43 14.14 3.23 -29.14
N THR A 44 14.16 2.56 -27.99
CA THR A 44 12.94 2.32 -27.23
C THR A 44 12.63 3.41 -26.20
N SER A 45 13.34 4.54 -26.28
CA SER A 45 13.09 5.65 -25.35
C SER A 45 11.68 6.24 -25.48
N ILE A 46 11.00 5.95 -26.60
CA ILE A 46 9.63 6.42 -26.81
C ILE A 46 8.59 5.56 -26.07
N ILE A 47 9.00 4.42 -25.55
CA ILE A 47 8.07 3.58 -24.76
C ILE A 47 7.68 4.32 -23.47
N THR A 48 6.39 4.28 -23.15
CA THR A 48 5.90 4.86 -21.90
C THR A 48 5.26 3.80 -21.04
N SER A 49 5.21 4.08 -19.73
CA SER A 49 4.49 3.26 -18.77
C SER A 49 3.31 4.07 -18.30
N THR A 50 2.10 3.54 -18.48
CA THR A 50 0.88 4.26 -18.19
C THR A 50 -0.06 3.49 -17.25
N HIS A 51 -1.01 4.21 -16.68
CA HIS A 51 -2.04 3.61 -15.84
C HIS A 51 -1.52 2.67 -14.76
N PRO A 52 -0.53 3.10 -13.97
CA PRO A 52 -0.04 2.17 -12.96
C PRO A 52 -1.09 1.91 -11.90
N ARG A 53 -1.23 0.66 -11.49
CA ARG A 53 -2.23 0.29 -10.48
C ARG A 53 -1.69 -0.74 -9.52
N LEU A 54 -1.63 -0.41 -8.24
CA LEU A 54 -1.37 -1.40 -7.21
C LEU A 54 -2.68 -2.07 -6.82
N ILE A 55 -2.67 -3.40 -6.82
CA ILE A 55 -3.85 -4.18 -6.44
C ILE A 55 -3.45 -5.11 -5.32
N PRO A 56 -3.80 -4.76 -4.07
CA PRO A 56 -3.35 -5.58 -2.95
C PRO A 56 -3.98 -6.96 -2.92
N HIS A 57 -3.20 -7.95 -2.53
CA HIS A 57 -3.77 -9.22 -2.16
C HIS A 57 -3.99 -9.13 -0.65
N ASP A 58 -5.22 -8.81 -0.27
CA ASP A 58 -5.49 -8.39 1.10
C ASP A 58 -5.28 -9.49 2.13
N LEU A 59 -4.70 -9.11 3.25
CA LEU A 59 -4.42 -10.06 4.33
C LEU A 59 -5.71 -10.55 4.96
N THR A 60 -5.72 -11.82 5.33
CA THR A 60 -6.90 -12.42 5.98
C THR A 60 -6.61 -12.97 7.37
N ILE A 61 -5.35 -13.31 7.64
CA ILE A 61 -4.96 -13.85 8.95
C ILE A 61 -4.75 -12.70 9.94
N PRO A 62 -5.52 -12.70 11.04
CA PRO A 62 -5.39 -11.63 12.04
C PRO A 62 -3.96 -11.52 12.55
N GLN A 63 -3.44 -10.29 12.54
CA GLN A 63 -2.03 -10.00 12.78
C GLN A 63 -1.78 -9.60 14.22
N ASN A 64 -0.55 -9.82 14.67
CA ASN A 64 -0.19 -9.48 16.04
C ASN A 64 0.20 -8.04 16.15
N LEU A 65 -0.13 -7.43 17.29
CA LEU A 65 0.19 -6.04 17.51
C LEU A 65 1.06 -5.85 18.74
N GLU A 66 1.70 -4.69 18.83
CA GLU A 66 2.55 -4.32 19.95
C GLU A 66 2.25 -2.89 20.35
N THR A 67 2.53 -2.54 21.61
CA THR A 67 2.30 -1.17 22.05
C THR A 67 3.30 -0.26 21.33
N ILE A 68 2.79 0.75 20.64
CA ILE A 68 3.69 1.68 19.94
C ILE A 68 3.71 3.07 20.58
N PHE A 69 2.78 3.32 21.47
CA PHE A 69 2.77 4.57 22.21
C PHE A 69 1.90 4.44 23.44
N THR A 70 2.35 5.05 24.54
CA THR A 70 1.51 5.14 25.72
C THR A 70 1.78 6.49 26.39
N THR A 71 0.72 7.16 26.86
CA THR A 71 0.91 8.38 27.63
C THR A 71 -0.25 8.56 28.60
N THR A 72 -0.14 9.51 29.52
CA THR A 72 -1.15 9.64 30.57
C THR A 72 -1.68 11.07 30.66
N GLN A 73 -2.83 11.20 31.31
CA GLN A 73 -3.39 12.49 31.68
C GLN A 73 -3.89 12.32 33.11
N VAL A 74 -3.58 13.29 33.97
CA VAL A 74 -3.98 13.22 35.36
C VAL A 74 -5.16 14.15 35.61
N LEU A 75 -6.25 13.61 36.16
CA LEU A 75 -7.45 14.40 36.44
C LEU A 75 -7.69 14.39 37.95
N THR A 76 -7.87 15.56 38.54
CA THR A 76 -7.93 15.64 39.99
C THR A 76 -9.18 16.38 40.47
N ASN A 77 -9.77 15.88 41.56
CA ASN A 77 -10.92 16.52 42.21
C ASN A 77 -10.72 16.56 43.73
N ASN A 78 -10.20 17.65 44.27
CA ASN A 78 -10.03 17.77 45.73
C ASN A 78 -11.24 18.46 46.36
N THR A 79 -12.41 18.28 45.76
CA THR A 79 -13.63 18.88 46.30
C THR A 79 -14.53 17.77 46.87
N ASP A 80 -15.63 18.17 47.47
CA ASP A 80 -16.56 17.20 48.06
C ASP A 80 -17.74 16.92 47.11
N LEU A 81 -17.64 17.43 45.88
CA LEU A 81 -18.65 17.23 44.84
C LEU A 81 -18.07 16.46 43.66
N GLN A 82 -18.79 15.46 43.17
CA GLN A 82 -18.38 14.76 41.95
C GLN A 82 -18.27 15.77 40.81
N GLN A 83 -17.31 15.58 39.92
CA GLN A 83 -17.11 16.49 38.81
C GLN A 83 -17.06 15.73 37.48
N SER A 84 -17.79 16.23 36.50
CA SER A 84 -17.68 15.68 35.17
C SER A 84 -16.49 16.36 34.51
N GLN A 85 -15.43 15.60 34.26
CA GLN A 85 -14.24 16.16 33.63
C GLN A 85 -14.07 15.55 32.26
N THR A 86 -13.24 16.16 31.43
CA THR A 86 -13.04 15.67 30.07
C THR A 86 -11.58 15.35 29.85
N VAL A 87 -11.29 14.14 29.38
CA VAL A 87 -9.92 13.82 29.02
C VAL A 87 -9.79 13.90 27.50
N SER A 88 -8.72 14.53 27.03
CA SER A 88 -8.51 14.65 25.60
C SER A 88 -7.08 14.31 25.22
N PHE A 89 -6.93 13.44 24.23
CA PHE A 89 -5.63 13.12 23.70
C PHE A 89 -5.59 13.55 22.24
N ALA A 90 -4.44 14.06 21.82
CA ALA A 90 -4.20 14.40 20.42
C ALA A 90 -2.78 13.97 20.11
N LYS A 91 -2.64 12.88 19.34
CA LYS A 91 -1.32 12.31 19.11
C LYS A 91 -1.14 12.09 17.62
N LYS A 92 -0.04 12.61 17.08
CA LYS A 92 0.28 12.36 15.68
C LYS A 92 1.19 11.15 15.58
N THR A 93 0.86 10.24 14.67
CA THR A 93 1.75 9.12 14.37
C THR A 93 1.91 9.04 12.86
N THR A 94 2.92 8.31 12.43
CA THR A 94 3.22 8.19 11.00
C THR A 94 3.25 6.73 10.62
N THR A 95 2.38 6.37 9.67
CA THR A 95 2.41 5.05 9.06
C THR A 95 3.50 5.07 7.99
N THR A 96 4.31 4.02 7.94
CA THR A 96 5.31 3.93 6.87
C THR A 96 5.07 2.70 6.02
N THR A 97 5.33 2.82 4.73
CA THR A 97 5.29 1.67 3.83
C THR A 97 6.61 1.59 3.07
N SER A 98 7.08 0.38 2.86
CA SER A 98 8.32 0.13 2.14
C SER A 98 8.04 -0.93 1.11
N THR A 99 8.09 -0.55 -0.16
CA THR A 99 7.57 -1.38 -1.24
C THR A 99 8.67 -1.73 -2.23
N SER A 100 8.85 -3.03 -2.48
CA SER A 100 9.88 -3.51 -3.40
C SER A 100 9.28 -4.32 -4.54
N THR A 101 9.66 -4.00 -5.76
CA THR A 101 9.19 -4.74 -6.93
C THR A 101 9.85 -6.11 -7.02
N THR A 102 9.05 -7.17 -7.15
CA THR A 102 9.58 -8.49 -7.44
C THR A 102 9.64 -8.71 -8.95
N ASN A 103 8.50 -8.52 -9.60
CA ASN A 103 8.40 -8.66 -11.06
C ASN A 103 8.04 -7.32 -11.69
N GLY A 104 8.87 -6.85 -12.60
CA GLY A 104 8.63 -5.58 -13.25
C GLY A 104 9.37 -5.49 -14.57
N TRP A 105 9.52 -4.28 -15.09
CA TRP A 105 10.21 -4.12 -16.37
C TRP A 105 10.85 -2.75 -16.49
N THR A 106 11.92 -2.71 -17.30
CA THR A 106 12.65 -1.49 -17.56
C THR A 106 12.93 -1.40 -19.05
N GLU A 107 12.97 -0.19 -19.54
CA GLU A 107 13.30 0.07 -20.92
C GLU A 107 14.80 0.28 -21.00
N GLY A 108 15.54 -0.80 -21.21
CA GLY A 108 16.98 -0.71 -21.45
C GLY A 108 17.83 -0.43 -20.23
N GLY A 109 17.21 -0.43 -19.05
CA GLY A 109 17.96 -0.19 -17.83
C GLY A 109 17.57 1.13 -17.18
N LYS A 110 16.75 1.90 -17.88
CA LYS A 110 16.30 3.19 -17.38
C LYS A 110 15.48 3.00 -16.10
N ILE A 111 15.74 3.85 -15.11
CA ILE A 111 14.94 3.86 -13.89
C ILE A 111 13.96 5.02 -13.96
N SER A 112 12.67 4.70 -13.99
CA SER A 112 11.64 5.72 -14.07
C SER A 112 11.51 6.44 -12.73
N ASP A 113 10.77 7.54 -12.72
CA ASP A 113 10.49 8.23 -11.46
C ASP A 113 9.52 7.40 -10.62
N THR A 114 9.81 7.30 -9.33
CA THR A 114 8.90 6.61 -8.41
C THR A 114 7.60 7.38 -8.30
N LEU A 115 6.47 6.66 -8.24
CA LEU A 115 5.16 7.31 -8.14
C LEU A 115 4.54 6.90 -6.83
N GLU A 116 3.55 7.64 -6.38
CA GLU A 116 2.90 7.35 -5.11
C GLU A 116 1.41 7.17 -5.33
N GLU A 117 0.82 6.21 -4.61
CA GLU A 117 -0.60 5.90 -4.74
C GLU A 117 -1.18 5.64 -3.36
N LYS A 118 -2.36 6.19 -3.10
CA LYS A 118 -3.10 5.85 -1.90
C LYS A 118 -3.81 4.53 -2.17
N VAL A 119 -3.65 3.58 -1.25
CA VAL A 119 -4.25 2.25 -1.42
C VAL A 119 -4.92 1.88 -0.11
N SER A 120 -6.13 1.31 -0.18
CA SER A 120 -6.79 0.77 1.01
C SER A 120 -6.38 -0.69 1.17
N VAL A 121 -5.98 -1.07 2.38
CA VAL A 121 -5.58 -2.44 2.62
C VAL A 121 -6.29 -2.96 3.86
N SER A 122 -6.72 -4.21 3.82
CA SER A 122 -7.34 -4.86 4.97
C SER A 122 -6.31 -5.12 6.05
N ILE A 123 -6.69 -4.90 7.30
CA ILE A 123 -5.81 -5.15 8.45
C ILE A 123 -6.61 -5.97 9.45
N PRO A 124 -6.54 -7.29 9.35
CA PRO A 124 -7.14 -8.14 10.38
C PRO A 124 -6.17 -8.17 11.56
N PHE A 125 -6.68 -8.11 12.79
CA PHE A 125 -5.79 -7.95 13.92
C PHE A 125 -6.31 -8.59 15.19
N ILE A 126 -5.39 -8.87 16.11
CA ILE A 126 -5.70 -9.56 17.33
C ILE A 126 -5.61 -8.57 18.49
N GLY A 127 -6.65 -8.56 19.32
CA GLY A 127 -6.69 -7.68 20.48
C GLY A 127 -5.98 -8.26 21.69
N GLU A 128 -5.93 -7.52 22.79
CA GLU A 128 -5.34 -8.04 24.02
C GLU A 128 -6.20 -9.18 24.54
N GLY A 129 -5.60 -10.34 24.73
CA GLY A 129 -6.34 -11.52 25.16
C GLY A 129 -6.76 -12.42 24.02
N GLY A 130 -6.56 -11.96 22.79
CA GLY A 130 -6.75 -12.83 21.64
C GLY A 130 -7.95 -12.58 20.72
N GLY A 131 -8.71 -11.53 20.99
CA GLY A 131 -9.90 -11.23 20.20
C GLY A 131 -9.62 -10.95 18.73
N LYS A 132 -10.44 -11.49 17.82
CA LYS A 132 -10.20 -11.29 16.40
C LYS A 132 -11.00 -10.10 15.86
N ASN A 133 -10.31 -9.22 15.13
CA ASN A 133 -10.93 -7.99 14.62
C ASN A 133 -10.56 -7.72 13.17
N SER A 134 -11.42 -6.97 12.48
CA SER A 134 -11.17 -6.60 11.10
C SER A 134 -11.29 -5.10 10.89
N THR A 135 -10.30 -4.51 10.22
CA THR A 135 -10.41 -3.10 9.83
C THR A 135 -9.67 -2.85 8.52
N THR A 136 -9.72 -1.61 8.05
CA THR A 136 -9.07 -1.21 6.82
C THR A 136 -8.30 0.07 7.07
N ILE A 137 -7.13 0.21 6.45
CA ILE A 137 -6.33 1.43 6.53
C ILE A 137 -6.02 1.92 5.13
N GLU A 138 -6.11 3.24 4.93
CA GLU A 138 -5.72 3.87 3.67
C GLU A 138 -4.34 4.47 3.89
N ALA A 139 -3.36 4.11 3.06
CA ALA A 139 -2.01 4.64 3.27
C ALA A 139 -1.35 4.93 1.93
N ASN A 140 -0.34 5.79 1.96
CA ASN A 140 0.47 6.04 0.78
C ASN A 140 1.45 4.91 0.51
N PHE A 141 1.48 4.45 -0.74
CA PHE A 141 2.45 3.47 -1.17
C PHE A 141 3.24 4.02 -2.35
N ALA A 142 4.55 4.04 -2.22
CA ALA A 142 5.42 4.39 -3.35
C ALA A 142 5.71 3.13 -4.15
N HIS A 143 5.83 3.25 -5.47
CA HIS A 143 6.12 2.10 -6.29
C HIS A 143 6.96 2.45 -7.52
N ASN A 144 7.73 1.48 -7.97
CA ASN A 144 8.57 1.68 -9.14
C ASN A 144 8.85 0.35 -9.83
N SER A 145 8.17 0.13 -10.95
CA SER A 145 8.28 -1.14 -11.67
C SER A 145 9.64 -1.39 -12.29
N SER A 146 10.47 -0.36 -12.37
CA SER A 146 11.76 -0.45 -13.08
C SER A 146 12.94 -0.86 -12.18
N THR A 147 12.71 -0.98 -10.87
CA THR A 147 13.78 -1.36 -9.96
C THR A 147 13.27 -2.21 -8.78
N THR A 148 14.13 -3.05 -8.21
CA THR A 148 13.76 -3.84 -7.03
C THR A 148 14.02 -3.07 -5.73
N THR A 149 14.66 -1.91 -5.85
CA THR A 149 15.00 -1.09 -4.69
C THR A 149 13.75 -0.64 -3.91
N PHE A 150 13.82 -0.67 -2.59
CA PHE A 150 12.70 -0.24 -1.76
C PHE A 150 12.31 1.21 -1.97
N GLN A 151 11.00 1.44 -2.05
CA GLN A 151 10.46 2.78 -2.20
C GLN A 151 9.61 3.08 -0.96
N GLN A 152 9.99 4.14 -0.24
CA GLN A 152 9.36 4.52 1.01
C GLN A 152 8.28 5.57 0.85
N ALA A 153 7.24 5.49 1.66
CA ALA A 153 6.20 6.53 1.70
C ALA A 153 5.66 6.67 3.12
N SER A 154 5.27 7.87 3.48
CA SER A 154 4.72 8.13 4.81
C SER A 154 3.30 8.63 4.73
N THR A 155 2.52 8.34 5.78
CA THR A 155 1.15 8.79 5.87
C THR A 155 0.96 9.23 7.31
N ASP A 156 0.70 10.51 7.52
CA ASP A 156 0.55 11.01 8.88
C ASP A 156 -0.91 10.92 9.28
N ILE A 157 -1.18 10.45 10.51
CA ILE A 157 -2.54 10.52 11.01
C ILE A 157 -2.57 11.13 12.40
N GLU A 158 -3.77 11.50 12.82
CA GLU A 158 -3.96 12.10 14.13
C GLU A 158 -4.96 11.26 14.92
N TRP A 159 -4.56 10.85 16.12
CA TRP A 159 -5.47 10.21 17.05
C TRP A 159 -6.09 11.28 17.94
N ASN A 160 -7.38 11.52 17.75
CA ASN A 160 -8.14 12.50 18.51
C ASN A 160 -9.14 11.76 19.37
N ILE A 161 -8.86 11.72 20.68
CA ILE A 161 -9.72 11.00 21.61
C ILE A 161 -10.21 11.97 22.66
N SER A 162 -11.53 12.13 22.77
CA SER A 162 -12.08 12.98 23.81
C SER A 162 -13.09 12.18 24.61
N GLN A 163 -13.01 12.29 25.93
CA GLN A 163 -13.79 11.44 26.82
C GLN A 163 -14.20 12.19 28.08
N PRO A 164 -15.52 12.36 28.29
CA PRO A 164 -15.97 12.79 29.61
C PRO A 164 -15.76 11.63 30.59
N VAL A 165 -15.32 11.93 31.80
CA VAL A 165 -15.20 10.89 32.81
C VAL A 165 -15.63 11.50 34.14
N LEU A 166 -16.39 10.73 34.92
CA LEU A 166 -16.97 11.22 36.15
C LEU A 166 -15.95 10.99 37.28
N VAL A 167 -15.45 12.10 37.86
CA VAL A 167 -14.44 12.03 38.89
C VAL A 167 -15.08 12.30 40.26
N PRO A 168 -15.15 11.26 41.10
CA PRO A 168 -15.79 11.41 42.43
C PRO A 168 -15.03 12.40 43.31
N PRO A 169 -15.68 12.88 44.38
CA PRO A 169 -15.00 13.80 45.30
C PRO A 169 -13.72 13.20 45.88
N ARG A 170 -12.68 14.03 46.04
CA ARG A 170 -11.44 13.63 46.70
C ARG A 170 -10.77 12.44 46.03
N LYS A 171 -10.80 12.43 44.70
CA LYS A 171 -10.18 11.37 43.92
C LYS A 171 -9.27 11.96 42.85
N GLN A 172 -8.26 11.18 42.46
CA GLN A 172 -7.51 11.46 41.25
C GLN A 172 -7.82 10.33 40.28
N VAL A 173 -8.08 10.67 39.02
CA VAL A 173 -8.25 9.65 37.99
C VAL A 173 -7.15 9.83 36.97
N VAL A 174 -6.40 8.76 36.71
CA VAL A 174 -5.34 8.77 35.71
C VAL A 174 -5.87 8.06 34.47
N ALA A 175 -5.78 8.73 33.32
CA ALA A 175 -6.21 8.18 32.04
C ALA A 175 -4.97 7.78 31.27
N THR A 176 -4.89 6.52 30.86
CA THR A 176 -3.74 6.06 30.10
C THR A 176 -4.14 5.71 28.68
N LEU A 177 -3.57 6.43 27.72
CA LEU A 177 -3.78 6.15 26.30
C LEU A 177 -2.77 5.09 25.90
N VAL A 178 -3.23 4.06 25.20
CA VAL A 178 -2.33 3.06 24.62
C VAL A 178 -2.69 2.92 23.16
N ILE A 179 -1.68 3.05 22.29
CA ILE A 179 -1.89 2.81 20.86
C ILE A 179 -1.16 1.52 20.50
N MET A 180 -1.90 0.58 19.89
CA MET A 180 -1.32 -0.69 19.44
C MET A 180 -1.10 -0.65 17.94
N GLY A 181 0.06 -1.12 17.49
CA GLY A 181 0.34 -1.12 16.06
C GLY A 181 1.04 -2.39 15.64
N GLY A 182 1.25 -2.53 14.34
CA GLY A 182 1.89 -3.73 13.85
C GLY A 182 2.74 -3.48 12.62
N ASN A 183 3.39 -4.56 12.18
CA ASN A 183 4.20 -4.56 10.98
C ASN A 183 3.67 -5.67 10.09
N PHE A 184 3.19 -5.29 8.89
CA PHE A 184 2.47 -6.23 8.05
C PHE A 184 3.14 -6.35 6.70
N THR A 185 3.18 -7.57 6.17
CA THR A 185 3.75 -7.80 4.85
C THR A 185 2.63 -8.04 3.86
N ILE A 186 2.48 -7.16 2.89
CA ILE A 186 1.35 -7.26 1.97
C ILE A 186 1.83 -7.39 0.53
N PRO A 187 1.58 -8.55 -0.10
CA PRO A 187 1.92 -8.70 -1.52
C PRO A 187 0.86 -8.00 -2.35
N MET A 188 1.26 -7.37 -3.44
CA MET A 188 0.30 -6.75 -4.34
C MET A 188 0.68 -6.98 -5.78
N ASP A 189 -0.32 -6.97 -6.65
CA ASP A 189 -0.03 -6.92 -8.07
C ASP A 189 0.26 -5.47 -8.40
N LEU A 190 1.15 -5.26 -9.35
CA LEU A 190 1.42 -3.94 -9.89
C LEU A 190 1.26 -4.02 -11.38
N MET A 191 0.14 -3.48 -11.88
CA MET A 191 -0.09 -3.46 -13.30
C MET A 191 0.39 -2.15 -13.90
N THR A 192 1.10 -2.24 -15.02
CA THR A 192 1.51 -1.07 -15.75
C THR A 192 1.23 -1.35 -17.21
N THR A 193 0.88 -0.32 -17.95
CA THR A 193 0.50 -0.53 -19.34
C THR A 193 1.57 0.05 -20.24
N ILE A 194 2.01 -0.76 -21.20
CA ILE A 194 3.01 -0.32 -22.16
C ILE A 194 2.36 0.43 -23.30
N ASP A 195 2.80 1.66 -23.52
CA ASP A 195 2.28 2.50 -24.61
C ASP A 195 3.49 3.19 -25.22
N SER A 196 3.27 4.20 -26.06
CA SER A 196 4.38 4.94 -26.65
C SER A 196 4.02 6.40 -26.83
N THR A 197 5.05 7.23 -27.01
CA THR A 197 4.80 8.62 -27.39
C THR A 197 4.39 8.73 -28.84
N GLU A 198 4.61 7.67 -29.62
CA GLU A 198 4.30 7.70 -31.05
C GLU A 198 3.38 6.55 -31.43
N HIS A 199 2.50 6.80 -32.38
CA HIS A 199 1.52 5.80 -32.82
C HIS A 199 1.40 5.80 -34.32
N TYR A 200 1.07 4.65 -34.89
CA TYR A 200 0.76 4.54 -36.30
C TYR A 200 -0.36 3.54 -36.51
N SER A 201 -1.36 3.92 -37.30
CA SER A 201 -2.52 3.05 -37.57
C SER A 201 -3.22 2.55 -36.32
N GLY A 202 -3.18 3.33 -35.24
CA GLY A 202 -3.83 2.95 -33.99
C GLY A 202 -2.95 2.16 -33.04
N TYR A 203 -1.73 1.85 -33.45
CA TYR A 203 -0.82 1.06 -32.62
C TYR A 203 0.31 1.88 -32.06
N PRO A 204 0.59 1.72 -30.76
CA PRO A 204 1.84 2.23 -30.21
C PRO A 204 3.05 1.74 -31.01
N ILE A 205 3.96 2.65 -31.32
CA ILE A 205 5.22 2.28 -31.93
C ILE A 205 6.23 2.05 -30.81
N LEU A 206 6.67 0.82 -30.62
CA LEU A 206 7.57 0.54 -29.50
C LEU A 206 9.00 0.96 -29.82
N THR A 207 9.30 1.00 -31.11
CA THR A 207 10.54 1.60 -31.60
C THR A 207 10.46 1.76 -33.10
N TRP A 208 11.26 2.68 -33.64
CA TRP A 208 11.53 2.66 -35.06
C TRP A 208 12.72 1.75 -35.30
N ILE A 209 12.70 1.06 -36.43
CA ILE A 209 13.79 0.20 -36.84
C ILE A 209 14.56 0.95 -37.92
N SER A 210 15.83 1.23 -37.68
CA SER A 210 16.64 1.97 -38.67
C SER A 210 17.43 1.03 -39.54
N SER A 211 17.60 1.39 -40.82
CA SER A 211 18.48 0.64 -41.71
C SER A 211 19.93 0.78 -41.20
N PRO A 212 20.81 -0.15 -41.57
CA PRO A 212 22.19 -0.12 -41.04
C PRO A 212 22.95 1.17 -41.37
N ASP A 213 22.52 1.91 -42.38
CA ASP A 213 23.13 3.19 -42.71
C ASP A 213 22.31 4.39 -42.19
N ASN A 214 21.33 4.08 -41.34
CA ASN A 214 20.44 5.08 -40.75
C ASN A 214 19.75 5.97 -41.79
N SER A 215 19.66 5.50 -43.03
CA SER A 215 19.12 6.29 -44.13
C SER A 215 17.59 6.25 -44.22
N TYR A 216 16.98 5.19 -43.72
CA TYR A 216 15.52 5.09 -43.66
C TYR A 216 15.11 4.24 -42.47
N ASN A 217 13.82 4.27 -42.16
CA ASN A 217 13.30 3.47 -41.05
C ASN A 217 11.85 3.02 -41.22
N GLY A 218 11.44 2.06 -40.39
CA GLY A 218 10.06 1.61 -40.39
C GLY A 218 9.63 1.39 -38.94
N PRO A 219 8.32 1.49 -38.67
CA PRO A 219 7.88 1.41 -37.27
C PRO A 219 7.65 -0.04 -36.80
N PHE A 220 8.00 -0.31 -35.55
CA PHE A 220 7.68 -1.61 -34.94
C PHE A 220 6.43 -1.42 -34.09
N MET A 221 5.30 -1.95 -34.56
CA MET A 221 4.01 -1.70 -33.93
C MET A 221 3.73 -2.77 -32.88
N SER A 222 2.94 -2.40 -31.87
CA SER A 222 2.72 -3.28 -30.71
C SER A 222 2.13 -4.65 -31.04
N TRP A 223 1.44 -4.78 -32.17
CA TRP A 223 0.82 -6.04 -32.57
C TRP A 223 1.90 -7.12 -32.60
N TYR A 224 3.06 -6.75 -33.12
CA TYR A 224 4.14 -7.72 -33.29
C TYR A 224 4.74 -8.13 -31.97
N PHE A 225 4.66 -7.28 -30.96
CA PHE A 225 5.14 -7.64 -29.64
C PHE A 225 4.13 -8.55 -28.93
N ALA A 226 2.86 -8.16 -28.94
CA ALA A 226 1.84 -8.94 -28.24
C ALA A 226 1.69 -10.34 -28.84
N ASN A 227 1.90 -10.45 -30.14
CA ASN A 227 1.66 -11.73 -30.82
C ASN A 227 2.93 -12.52 -31.13
N TRP A 228 4.05 -12.04 -30.60
CA TRP A 228 5.33 -12.74 -30.66
C TRP A 228 5.21 -14.02 -29.84
N PRO A 229 5.40 -15.18 -30.47
CA PRO A 229 5.15 -16.44 -29.75
C PRO A 229 5.95 -16.65 -28.47
N ASN A 230 7.13 -16.04 -28.38
CA ASN A 230 7.95 -16.20 -27.18
C ASN A 230 7.82 -15.06 -26.16
N LEU A 231 6.74 -14.29 -26.27
CA LEU A 231 6.45 -13.25 -25.28
C LEU A 231 6.38 -13.84 -23.87
N PRO A 232 7.14 -13.27 -22.92
CA PRO A 232 7.12 -13.76 -21.53
C PRO A 232 5.75 -13.62 -20.86
N SER A 233 5.47 -14.49 -19.89
CA SER A 233 4.11 -14.62 -19.31
C SER A 233 3.43 -13.37 -18.73
N GLY A 234 4.21 -12.47 -18.15
CA GLY A 234 3.64 -11.31 -17.48
C GLY A 234 3.01 -10.28 -18.42
N PHE A 235 3.36 -10.35 -19.69
CA PHE A 235 2.81 -9.43 -20.68
C PHE A 235 1.47 -9.95 -21.17
N GLY A 236 0.46 -9.08 -21.10
CA GLY A 236 -0.90 -9.45 -21.47
C GLY A 236 -1.17 -9.42 -22.97
N PRO A 237 -2.44 -9.68 -23.33
CA PRO A 237 -2.91 -9.59 -24.71
C PRO A 237 -2.91 -8.15 -25.20
N LEU A 238 -3.19 -7.93 -26.48
CA LEU A 238 -3.45 -6.56 -26.92
C LEU A 238 -4.73 -6.04 -26.28
N ASN A 239 -4.63 -4.87 -25.64
CA ASN A 239 -5.82 -4.21 -25.11
C ASN A 239 -6.61 -3.58 -26.25
N SER A 240 -7.78 -3.04 -25.93
CA SER A 240 -8.66 -2.52 -26.97
C SER A 240 -8.06 -1.29 -27.68
N ASP A 241 -7.11 -0.62 -27.02
CA ASP A 241 -6.38 0.50 -27.61
C ASP A 241 -4.97 0.11 -28.06
N ASN A 242 -4.75 -1.19 -28.21
CA ASN A 242 -3.49 -1.74 -28.74
C ASN A 242 -2.28 -1.58 -27.83
N THR A 243 -2.51 -1.17 -26.58
CA THR A 243 -1.46 -1.22 -25.57
C THR A 243 -1.34 -2.65 -25.02
N VAL A 244 -0.35 -2.87 -24.18
CA VAL A 244 -0.11 -4.19 -23.59
C VAL A 244 0.15 -3.99 -22.12
N THR A 245 -0.66 -4.62 -21.28
CA THR A 245 -0.52 -4.45 -19.84
C THR A 245 0.39 -5.53 -19.28
N TYR A 246 1.33 -5.13 -18.43
CA TYR A 246 2.20 -6.07 -17.75
C TYR A 246 1.69 -6.25 -16.32
N THR A 247 1.49 -7.51 -15.92
CA THR A 247 1.09 -7.82 -14.56
C THR A 247 2.33 -8.12 -13.74
N GLY A 248 2.81 -7.10 -13.04
CA GLY A 248 3.97 -7.20 -12.19
C GLY A 248 3.57 -7.42 -10.74
N SER A 249 4.55 -7.40 -9.85
CA SER A 249 4.26 -7.67 -8.45
C SER A 249 5.21 -6.92 -7.54
N VAL A 250 4.71 -6.58 -6.35
CA VAL A 250 5.53 -5.99 -5.30
C VAL A 250 5.23 -6.67 -3.98
N VAL A 251 6.11 -6.45 -3.01
CA VAL A 251 5.80 -6.79 -1.63
C VAL A 251 6.00 -5.52 -0.82
N SER A 252 5.01 -5.17 0.01
CA SER A 252 5.12 -3.95 0.79
C SER A 252 5.15 -4.27 2.27
N GLN A 253 6.07 -3.64 2.98
CA GLN A 253 6.15 -3.77 4.43
C GLN A 253 5.48 -2.54 5.02
N VAL A 254 4.44 -2.74 5.83
CA VAL A 254 3.62 -1.66 6.31
C VAL A 254 3.71 -1.60 7.83
N SER A 255 4.14 -0.46 8.36
CA SER A 255 4.19 -0.23 9.80
C SER A 255 3.13 0.79 10.18
N ALA A 256 2.14 0.37 10.95
CA ALA A 256 1.00 1.25 11.24
C ALA A 256 0.36 1.02 12.60
N GLY A 257 -0.07 2.12 13.23
CA GLY A 257 -0.91 2.02 14.41
C GLY A 257 -2.29 1.56 13.97
N VAL A 258 -2.91 0.71 14.78
CA VAL A 258 -4.17 0.07 14.41
C VAL A 258 -5.34 0.52 15.31
N TYR A 259 -5.17 0.45 16.62
CA TYR A 259 -6.23 0.95 17.51
C TYR A 259 -5.66 1.55 18.77
N ALA A 260 -6.49 2.34 19.45
CA ALA A 260 -6.10 3.01 20.70
C ALA A 260 -7.17 2.80 21.74
N THR A 261 -6.75 2.63 22.99
CA THR A 261 -7.68 2.50 24.10
C THR A 261 -7.35 3.53 25.15
N VAL A 262 -8.32 3.82 26.00
CA VAL A 262 -8.09 4.66 27.17
C VAL A 262 -8.53 3.93 28.43
N ARG A 263 -7.60 3.78 29.37
CA ARG A 263 -7.86 3.12 30.64
C ARG A 263 -7.91 4.16 31.75
N PHE A 264 -8.80 3.98 32.72
CA PHE A 264 -8.88 4.89 33.87
C PHE A 264 -8.49 4.15 35.15
N ASP A 265 -7.61 4.75 35.94
CA ASP A 265 -7.29 4.26 37.28
C ASP A 265 -7.68 5.33 38.28
N GLN A 266 -8.45 4.97 39.30
CA GLN A 266 -8.92 5.95 40.28
C GLN A 266 -8.15 5.78 41.59
N TYR A 267 -7.73 6.89 42.18
CA TYR A 267 -7.02 6.86 43.46
C TYR A 267 -7.74 7.78 44.45
N ASP A 268 -7.64 7.47 45.73
CA ASP A 268 -7.89 8.46 46.77
C ASP A 268 -6.82 9.52 46.57
N ILE A 269 -7.23 10.78 46.56
CA ILE A 269 -6.30 11.87 46.29
C ILE A 269 -5.14 11.92 47.30
N HIS A 270 -5.36 11.41 48.50
CA HIS A 270 -4.33 11.41 49.54
C HIS A 270 -3.37 10.23 49.44
N ASN A 271 -3.79 9.22 48.67
CA ASN A 271 -2.99 8.00 48.50
C ASN A 271 -2.83 7.63 47.03
N LEU A 272 -1.85 8.25 46.39
CA LEU A 272 -1.65 8.02 44.95
C LEU A 272 -0.80 6.78 44.68
N ARG A 273 -0.67 5.92 45.68
CA ARG A 273 0.10 4.70 45.53
C ARG A 273 -0.80 3.51 45.26
N THR A 274 -2.06 3.62 45.67
CA THR A 274 -2.99 2.49 45.58
C THR A 274 -4.21 2.74 44.68
N ILE A 275 -4.31 1.96 43.61
CA ILE A 275 -5.47 2.04 42.71
C ILE A 275 -6.70 1.46 43.41
N GLU A 276 -7.76 2.26 43.50
CA GLU A 276 -9.02 1.83 44.12
C GLU A 276 -9.88 1.06 43.13
N LYS A 277 -9.82 1.49 41.87
CA LYS A 277 -10.78 1.07 40.86
C LYS A 277 -10.18 1.33 39.48
N THR A 278 -10.42 0.42 38.53
CA THR A 278 -9.93 0.60 37.17
C THR A 278 -11.04 0.23 36.19
N TRP A 279 -11.15 0.97 35.09
CA TRP A 279 -12.12 0.65 34.05
C TRP A 279 -11.68 1.24 32.73
N TYR A 280 -12.26 0.77 31.63
CA TYR A 280 -11.91 1.30 30.33
C TYR A 280 -13.01 2.20 29.78
N ALA A 281 -12.62 3.14 28.95
CA ALA A 281 -13.58 3.82 28.08
C ALA A 281 -14.25 2.72 27.26
N ARG A 282 -15.55 2.88 26.98
CA ARG A 282 -16.32 1.78 26.42
C ARG A 282 -16.01 1.51 24.96
N HIS A 283 -15.28 2.42 24.31
CA HIS A 283 -14.88 2.20 22.92
C HIS A 283 -13.40 2.41 22.73
N ALA A 284 -12.82 1.61 21.83
CA ALA A 284 -11.50 1.86 21.33
C ALA A 284 -11.64 2.67 20.05
N THR A 285 -10.58 3.35 19.64
CA THR A 285 -10.59 4.12 18.40
C THR A 285 -9.67 3.46 17.37
N LEU A 286 -10.16 3.29 16.15
CA LEU A 286 -9.33 2.72 15.09
C LEU A 286 -8.48 3.76 14.35
N HIS A 287 -7.49 3.26 13.62
CA HIS A 287 -6.65 4.07 12.73
C HIS A 287 -7.50 4.97 11.86
N ASN A 288 -8.57 4.42 11.30
CA ASN A 288 -9.42 5.16 10.36
C ASN A 288 -10.42 6.09 11.03
N GLY A 289 -10.39 6.14 12.36
CA GLY A 289 -11.20 7.06 13.13
C GLY A 289 -12.48 6.46 13.68
N LYS A 290 -12.86 5.28 13.18
CA LYS A 290 -14.06 4.62 13.69
C LYS A 290 -13.91 4.16 15.15
N LYS A 291 -15.04 4.05 15.85
CA LYS A 291 -15.06 3.55 17.23
C LYS A 291 -15.54 2.11 17.24
N ILE A 292 -14.90 1.27 18.05
CA ILE A 292 -15.34 -0.11 18.22
C ILE A 292 -15.50 -0.45 19.69
N SER A 293 -16.31 -1.45 19.98
CA SER A 293 -16.53 -1.89 21.34
C SER A 293 -15.23 -2.28 22.03
N ILE A 294 -15.00 -1.77 23.23
CA ILE A 294 -13.77 -2.07 23.95
C ILE A 294 -13.61 -3.59 24.17
N ASN A 295 -14.73 -4.31 24.25
CA ASN A 295 -14.71 -5.75 24.51
C ASN A 295 -14.02 -6.52 23.40
N ASN A 296 -13.93 -5.90 22.23
CA ASN A 296 -13.36 -6.56 21.07
C ASN A 296 -11.84 -6.67 21.14
N VAL A 297 -11.22 -5.85 21.99
CA VAL A 297 -9.75 -5.75 21.99
C VAL A 297 -9.21 -5.89 23.41
N THR A 298 -10.08 -6.22 24.35
CA THR A 298 -9.66 -6.51 25.73
C THR A 298 -10.24 -7.84 26.18
N GLU A 299 -9.80 -8.32 27.34
CA GLU A 299 -10.31 -9.59 27.87
C GLU A 299 -11.59 -9.40 28.67
N MET A 300 -12.58 -8.76 28.05
CA MET A 300 -13.84 -8.49 28.75
C MET A 300 -15.00 -8.91 27.85
N ALA A 301 -15.49 -10.12 28.00
CA ALA A 301 -16.65 -10.56 27.21
C ALA A 301 -17.88 -9.70 27.55
N PRO A 302 -18.67 -9.31 26.54
CA PRO A 302 -19.84 -8.44 26.78
C PRO A 302 -20.90 -9.15 27.61
N THR A 303 -21.53 -8.45 28.54
CA THR A 303 -22.55 -9.06 29.40
C THR A 303 -23.94 -8.55 29.08
N SER A 304 -24.95 -9.24 29.60
CA SER A 304 -26.34 -8.84 29.38
C SER A 304 -27.23 -9.35 30.51
N PRO A 305 -28.32 -8.64 30.79
CA PRO A 305 -29.27 -9.11 31.80
C PRO A 305 -30.25 -10.14 31.22
N ILE A 306 -30.92 -10.87 32.09
CA ILE A 306 -32.02 -11.74 31.70
C ILE A 306 -33.28 -10.91 31.42
N LYS A 307 -34.12 -11.41 30.51
CA LYS A 307 -35.38 -10.77 30.15
C LYS A 307 -36.52 -11.76 30.45
N THR A 308 -37.59 -11.28 31.10
CA THR A 308 -38.73 -12.15 31.39
C THR A 308 -39.67 -12.25 30.19
N ASN A 309 -40.25 -13.43 29.99
CA ASN A 309 -41.27 -13.61 28.97
C ASN A 309 -42.67 -13.55 29.60
#